data_1ZBI
#
_entry.id   1ZBI
#
_cell.length_a   136.393
_cell.length_b   36.964
_cell.length_c   93.202
_cell.angle_alpha   90.00
_cell.angle_beta   121.51
_cell.angle_gamma   90.00
#
_symmetry.space_group_name_H-M   'C 1 2 1'
#
loop_
_entity.id
_entity.type
_entity.pdbx_description
1 polymer "5'-R(*GP*AP*CP*AP*CP*CP*UP*GP*AP*UP*UP*C)-3'"
2 polymer "5'-D(*GP*AP*AP*TP*CP*AP*GP*GP*TP*GP*TP*C)-3'"
3 polymer 'ribonuclease H-related protein'
4 non-polymer 'MAGNESIUM ION'
5 water water
#
loop_
_entity_poly.entity_id
_entity_poly.type
_entity_poly.pdbx_seq_one_letter_code
_entity_poly.pdbx_strand_id
1 'polyribonucleotide' GACACCUGAUUC C
2 'polydeoxyribonucleotide' (DG)(DA)(DA)(DT)(DC)(DA)(DG)(DG)(DT)(DG)(DT)(DC) D
3 'polypeptide(L)'
;GSHMAKEEIIWESLSVDVGSQGNPGIVEYKGVDTKTGEVLFEREPIPIGTNNMGEFLAIVHGLRYLKERNSRKPIYSNSQ
TAIKWVKDKKAKSTLVRNEETALIWKLVDEAEEWLNTHTYETPILKWQTDKWGEIKADYGRK
;
A,B
#
loop_
_chem_comp.id
_chem_comp.type
_chem_comp.name
_chem_comp.formula
A RNA linking ADENOSINE-5'-MONOPHOSPHATE 'C10 H14 N5 O7 P'
C RNA linking CYTIDINE-5'-MONOPHOSPHATE 'C9 H14 N3 O8 P'
DA DNA linking 2'-DEOXYADENOSINE-5'-MONOPHOSPHATE 'C10 H14 N5 O6 P'
DC DNA linking 2'-DEOXYCYTIDINE-5'-MONOPHOSPHATE 'C9 H14 N3 O7 P'
DG DNA linking 2'-DEOXYGUANOSINE-5'-MONOPHOSPHATE 'C10 H14 N5 O7 P'
DT DNA linking THYMIDINE-5'-MONOPHOSPHATE 'C10 H15 N2 O8 P'
G RNA linking GUANOSINE-5'-MONOPHOSPHATE 'C10 H14 N5 O8 P'
MG non-polymer 'MAGNESIUM ION' 'Mg 2'
U RNA linking URIDINE-5'-MONOPHOSPHATE 'C9 H13 N2 O9 P'
#
# COMPACT_ATOMS: atom_id res chain seq x y z
N GLU C 8 4.13 -19.11 12.75
CA GLU C 8 3.69 -20.03 11.66
C GLU C 8 2.17 -20.21 11.62
N ILE C 9 1.71 -21.02 10.67
CA ILE C 9 0.30 -21.28 10.49
C ILE C 9 -0.34 -22.13 11.59
N ILE C 10 -1.52 -21.70 12.05
CA ILE C 10 -2.26 -22.43 13.06
C ILE C 10 -3.34 -23.18 12.29
N TRP C 11 -3.12 -24.46 12.05
CA TRP C 11 -4.06 -25.25 11.27
C TRP C 11 -5.41 -25.54 11.89
N GLU C 12 -5.48 -25.53 13.22
CA GLU C 12 -6.75 -25.76 13.90
C GLU C 12 -7.42 -24.40 13.92
N SER C 13 -7.95 -23.99 12.77
CA SER C 13 -8.57 -22.67 12.70
C SER C 13 -9.60 -22.62 11.59
N LEU C 14 -10.30 -21.50 11.54
CA LEU C 14 -11.32 -21.26 10.52
C LEU C 14 -10.79 -20.17 9.59
N SER C 15 -10.89 -20.39 8.29
CA SER C 15 -10.46 -19.40 7.33
C SER C 15 -11.67 -18.92 6.54
N VAL C 16 -11.77 -17.62 6.33
CA VAL C 16 -12.88 -17.07 5.59
C VAL C 16 -12.37 -16.19 4.46
N ASP C 17 -13.15 -16.09 3.40
CA ASP C 17 -12.77 -15.25 2.28
C ASP C 17 -14.02 -14.88 1.51
N VAL C 18 -13.93 -13.77 0.77
CA VAL C 18 -15.04 -13.30 -0.03
C VAL C 18 -14.75 -13.66 -1.48
N GLY C 19 -15.78 -13.65 -2.29
CA GLY C 19 -15.63 -13.89 -3.70
C GLY C 19 -16.61 -12.98 -4.40
N SER C 20 -16.27 -12.49 -5.59
CA SER C 20 -17.21 -11.63 -6.27
C SER C 20 -17.05 -11.69 -7.77
N GLN C 21 -18.00 -11.05 -8.44
CA GLN C 21 -17.98 -10.91 -9.89
C GLN C 21 -18.26 -9.42 -10.03
N GLY C 22 -17.18 -8.66 -10.21
CA GLY C 22 -17.28 -7.22 -10.30
C GLY C 22 -17.07 -6.71 -8.88
N ASN C 23 -16.68 -5.45 -8.75
CA ASN C 23 -16.49 -4.84 -7.44
C ASN C 23 -16.64 -3.33 -7.60
N PRO C 24 -17.78 -2.79 -7.16
CA PRO C 24 -18.89 -3.55 -6.57
C PRO C 24 -19.55 -4.53 -7.53
N GLY C 25 -20.14 -5.59 -7.01
CA GLY C 25 -20.78 -6.56 -7.87
C GLY C 25 -21.46 -7.65 -7.08
N ILE C 26 -21.58 -8.84 -7.65
CA ILE C 26 -22.20 -9.96 -6.94
C ILE C 26 -21.19 -10.46 -5.94
N VAL C 27 -21.59 -10.62 -4.69
CA VAL C 27 -20.66 -11.09 -3.69
C VAL C 27 -21.17 -12.26 -2.86
N GLU C 28 -20.23 -13.11 -2.48
CA GLU C 28 -20.53 -14.27 -1.67
C GLU C 28 -19.32 -14.44 -0.80
N TYR C 29 -19.41 -15.32 0.20
CA TYR C 29 -18.28 -15.55 1.07
C TYR C 29 -18.45 -16.92 1.70
N LYS C 30 -17.37 -17.43 2.29
CA LYS C 30 -17.45 -18.71 2.94
C LYS C 30 -16.36 -18.89 3.98
N GLY C 31 -16.58 -19.87 4.84
CA GLY C 31 -15.63 -20.17 5.88
C GLY C 31 -15.26 -21.63 5.74
N VAL C 32 -14.00 -21.95 5.99
CA VAL C 32 -13.57 -23.34 5.88
C VAL C 32 -12.61 -23.75 6.97
N ASP C 33 -12.52 -25.06 7.20
CA ASP C 33 -11.60 -25.61 8.16
C ASP C 33 -10.26 -25.40 7.46
N THR C 34 -9.38 -24.61 8.06
CA THR C 34 -8.09 -24.34 7.43
C THR C 34 -7.35 -25.64 7.08
N LYS C 35 -7.34 -26.60 8.00
CA LYS C 35 -6.64 -27.86 7.76
C LYS C 35 -7.34 -28.75 6.72
N THR C 36 -8.61 -29.05 6.96
CA THR C 36 -9.38 -29.91 6.06
C THR C 36 -9.72 -29.29 4.72
N GLY C 37 -10.25 -28.07 4.76
CA GLY C 37 -10.67 -27.41 3.53
C GLY C 37 -12.17 -27.59 3.43
N GLU C 38 -12.72 -28.28 4.42
CA GLU C 38 -14.15 -28.54 4.48
C GLU C 38 -14.90 -27.22 4.62
N VAL C 39 -15.91 -27.01 3.79
CA VAL C 39 -16.68 -25.78 3.86
C VAL C 39 -17.63 -25.85 5.06
N LEU C 40 -17.58 -24.87 5.95
CA LEU C 40 -18.44 -24.84 7.13
C LEU C 40 -19.71 -24.00 6.91
N PHE C 41 -19.61 -22.97 6.08
CA PHE C 41 -20.76 -22.15 5.74
C PHE C 41 -20.43 -21.41 4.47
N GLU C 42 -21.46 -21.13 3.68
CA GLU C 42 -21.29 -20.40 2.44
C GLU C 42 -22.52 -19.55 2.19
N ARG C 43 -22.29 -18.25 2.07
CA ARG C 43 -23.37 -17.29 1.85
C ARG C 43 -23.86 -17.31 0.42
N GLU C 44 -25.19 -17.28 0.26
CA GLU C 44 -25.81 -17.23 -1.07
C GLU C 44 -25.41 -15.90 -1.75
N PRO C 45 -25.05 -15.93 -3.05
CA PRO C 45 -24.68 -14.69 -3.73
C PRO C 45 -25.62 -13.52 -3.46
N ILE C 46 -25.03 -12.37 -3.20
CA ILE C 46 -25.76 -11.12 -2.93
C ILE C 46 -25.59 -10.29 -4.21
N PRO C 47 -26.70 -9.88 -4.83
CA PRO C 47 -26.70 -9.10 -6.08
C PRO C 47 -25.71 -7.94 -6.16
N ILE C 48 -25.69 -7.10 -5.14
CA ILE C 48 -24.78 -5.96 -5.15
C ILE C 48 -24.14 -5.76 -3.80
N GLY C 49 -22.81 -5.76 -3.79
CA GLY C 49 -22.07 -5.54 -2.56
C GLY C 49 -20.64 -5.17 -2.90
N THR C 50 -19.81 -4.90 -1.91
CA THR C 50 -18.41 -4.59 -2.17
C THR C 50 -17.55 -5.71 -1.61
N ASN C 51 -16.31 -5.78 -2.07
CA ASN C 51 -15.41 -6.82 -1.59
C ASN C 51 -15.27 -6.70 -0.08
N ASN C 52 -15.09 -5.48 0.42
CA ASN C 52 -14.87 -5.30 1.85
C ASN C 52 -16.09 -5.59 2.71
N MET C 53 -17.28 -5.31 2.21
CA MET C 53 -18.47 -5.63 2.95
C MET C 53 -18.54 -7.16 3.07
N GLY C 54 -18.17 -7.86 2.00
CA GLY C 54 -18.19 -9.30 2.03
C GLY C 54 -17.17 -9.88 3.00
N GLU C 55 -15.95 -9.34 3.03
CA GLU C 55 -14.91 -9.84 3.97
C GLU C 55 -15.36 -9.63 5.41
N PHE C 56 -16.03 -8.50 5.64
CA PHE C 56 -16.54 -8.14 6.98
C PHE C 56 -17.61 -9.15 7.42
N LEU C 57 -18.62 -9.39 6.58
CA LEU C 57 -19.66 -10.36 6.89
C LEU C 57 -19.06 -11.76 7.19
N ALA C 58 -18.11 -12.18 6.36
CA ALA C 58 -17.46 -13.48 6.52
C ALA C 58 -16.83 -13.65 7.88
N ILE C 59 -16.10 -12.65 8.33
CA ILE C 59 -15.47 -12.75 9.65
C ILE C 59 -16.50 -12.82 10.78
N VAL C 60 -17.49 -11.94 10.75
CA VAL C 60 -18.49 -11.94 11.82
C VAL C 60 -19.27 -13.26 11.85
N HIS C 61 -19.57 -13.77 10.65
CA HIS C 61 -20.29 -15.03 10.52
C HIS C 61 -19.43 -16.11 11.18
N GLY C 62 -18.13 -16.06 10.93
CA GLY C 62 -17.21 -17.01 11.51
C GLY C 62 -17.19 -16.88 13.02
N LEU C 63 -17.21 -15.64 13.50
CA LEU C 63 -17.24 -15.35 14.92
C LEU C 63 -18.47 -15.97 15.58
N ARG C 64 -19.63 -15.80 14.95
CA ARG C 64 -20.86 -16.36 15.52
C ARG C 64 -20.79 -17.89 15.47
N TYR C 65 -20.26 -18.41 14.37
CA TYR C 65 -20.12 -19.84 14.18
C TYR C 65 -19.30 -20.48 15.32
N LEU C 66 -18.16 -19.86 15.66
CA LEU C 66 -17.29 -20.37 16.72
C LEU C 66 -17.90 -20.12 18.09
N LYS C 67 -18.53 -18.96 18.25
CA LYS C 67 -19.17 -18.60 19.50
C LYS C 67 -20.21 -19.64 19.96
N GLU C 68 -21.15 -20.00 19.08
CA GLU C 68 -22.16 -20.98 19.49
C GLU C 68 -21.62 -22.37 19.81
N ARG C 69 -20.38 -22.64 19.38
CA ARG C 69 -19.75 -23.92 19.64
C ARG C 69 -18.73 -23.81 20.77
N ASN C 70 -18.64 -22.62 21.35
CA ASN C 70 -17.71 -22.37 22.44
C ASN C 70 -16.31 -22.78 22.01
N SER C 71 -16.02 -22.61 20.73
CA SER C 71 -14.71 -22.95 20.20
C SER C 71 -13.72 -21.83 20.49
N ARG C 72 -12.47 -22.20 20.75
CA ARG C 72 -11.44 -21.21 21.05
C ARG C 72 -10.51 -21.02 19.85
N LYS C 73 -10.76 -21.77 18.78
CA LYS C 73 -9.93 -21.68 17.58
C LYS C 73 -9.99 -20.28 16.95
N PRO C 74 -8.86 -19.81 16.40
CA PRO C 74 -8.78 -18.48 15.77
C PRO C 74 -9.39 -18.49 14.37
N ILE C 75 -9.56 -17.30 13.82
CA ILE C 75 -10.11 -17.09 12.48
C ILE C 75 -9.07 -16.34 11.64
N TYR C 76 -8.85 -16.81 10.41
CA TYR C 76 -7.92 -16.16 9.50
C TYR C 76 -8.66 -15.42 8.40
N SER C 77 -8.20 -14.21 8.10
CA SER C 77 -8.75 -13.44 7.01
C SER C 77 -7.57 -12.73 6.38
N ASN C 78 -7.60 -12.54 5.07
CA ASN C 78 -6.50 -11.82 4.45
C ASN C 78 -6.88 -10.34 4.27
N SER C 79 -8.02 -9.93 4.86
CA SER C 79 -8.50 -8.55 4.73
C SER C 79 -8.14 -7.59 5.85
N GLN C 80 -7.16 -6.73 5.58
CA GLN C 80 -6.72 -5.71 6.52
C GLN C 80 -7.90 -4.79 6.86
N THR C 81 -8.69 -4.44 5.84
CA THR C 81 -9.85 -3.57 6.04
C THR C 81 -10.91 -4.19 6.95
N ALA C 82 -11.35 -5.41 6.62
CA ALA C 82 -12.38 -6.06 7.40
C ALA C 82 -11.90 -6.37 8.82
N ILE C 83 -10.64 -6.75 9.00
CA ILE C 83 -10.16 -7.03 10.34
C ILE C 83 -10.25 -5.76 11.20
N LYS C 84 -9.94 -4.62 10.61
CA LYS C 84 -10.04 -3.38 11.37
C LYS C 84 -11.50 -3.02 11.66
N TRP C 85 -12.39 -3.21 10.68
CA TRP C 85 -13.81 -2.88 10.88
C TRP C 85 -14.39 -3.73 12.02
N VAL C 86 -13.95 -4.98 12.11
CA VAL C 86 -14.42 -5.87 13.15
C VAL C 86 -13.89 -5.41 14.51
N LYS C 87 -12.60 -5.05 14.57
CA LYS C 87 -12.03 -4.57 15.83
C LYS C 87 -12.76 -3.31 16.28
N ASP C 88 -13.11 -2.46 15.32
CA ASP C 88 -13.82 -1.23 15.64
C ASP C 88 -15.30 -1.43 15.83
N LYS C 89 -15.80 -2.60 15.43
CA LYS C 89 -17.21 -2.91 15.54
C LYS C 89 -18.00 -1.93 14.69
N LYS C 90 -17.41 -1.52 13.56
CA LYS C 90 -18.04 -0.57 12.67
C LYS C 90 -17.51 -0.70 11.24
N ALA C 91 -18.42 -1.00 10.31
CA ALA C 91 -18.05 -1.13 8.93
C ALA C 91 -18.03 0.30 8.44
N LYS C 92 -17.27 0.57 7.38
CA LYS C 92 -17.18 1.92 6.86
C LYS C 92 -17.21 1.86 5.35
N SER C 93 -18.21 1.19 4.79
CA SER C 93 -18.33 1.06 3.35
C SER C 93 -18.85 2.35 2.75
N THR C 94 -18.46 2.63 1.52
CA THR C 94 -18.89 3.83 0.80
C THR C 94 -20.01 3.49 -0.15
N LEU C 95 -20.44 2.23 -0.17
CA LEU C 95 -21.48 1.80 -1.07
C LEU C 95 -22.79 2.56 -0.88
N VAL C 96 -23.40 2.97 -1.99
CA VAL C 96 -24.68 3.68 -1.96
C VAL C 96 -25.69 2.82 -1.20
N ARG C 97 -26.50 3.45 -0.37
CA ARG C 97 -27.53 2.75 0.42
C ARG C 97 -28.93 3.06 -0.11
N ASN C 98 -29.53 2.10 -0.82
CA ASN C 98 -30.89 2.28 -1.33
C ASN C 98 -31.57 0.93 -1.58
N GLU C 99 -32.67 0.94 -2.34
CA GLU C 99 -33.39 -0.31 -2.60
C GLU C 99 -32.56 -1.37 -3.31
N GLU C 100 -31.66 -0.94 -4.17
CA GLU C 100 -30.83 -1.90 -4.90
C GLU C 100 -29.76 -2.57 -4.05
N THR C 101 -29.34 -1.92 -2.97
CA THR C 101 -28.31 -2.46 -2.10
C THR C 101 -28.83 -2.75 -0.69
N ALA C 102 -30.14 -2.84 -0.57
CA ALA C 102 -30.75 -3.06 0.74
C ALA C 102 -30.31 -4.34 1.44
N LEU C 103 -30.15 -5.42 0.67
CA LEU C 103 -29.76 -6.69 1.27
C LEU C 103 -28.38 -6.68 1.89
N ILE C 104 -27.37 -6.22 1.14
CA ILE C 104 -26.01 -6.21 1.67
C ILE C 104 -25.95 -5.31 2.90
N TRP C 105 -26.63 -4.18 2.84
CA TRP C 105 -26.65 -3.24 3.94
C TRP C 105 -27.41 -3.82 5.13
N LYS C 106 -28.46 -4.58 4.86
CA LYS C 106 -29.19 -5.20 5.95
C LYS C 106 -28.24 -6.19 6.67
N LEU C 107 -27.49 -6.99 5.90
CA LEU C 107 -26.56 -7.95 6.49
C LEU C 107 -25.44 -7.27 7.25
N VAL C 108 -24.87 -6.22 6.66
CA VAL C 108 -23.79 -5.50 7.32
C VAL C 108 -24.31 -4.87 8.62
N ASP C 109 -25.49 -4.24 8.58
CA ASP C 109 -26.06 -3.64 9.79
C ASP C 109 -26.23 -4.69 10.88
N GLU C 110 -26.74 -5.86 10.51
CA GLU C 110 -26.95 -6.94 11.47
C GLU C 110 -25.63 -7.51 12.01
N ALA C 111 -24.61 -7.54 11.17
CA ALA C 111 -23.30 -8.06 11.61
C ALA C 111 -22.75 -7.09 12.65
N GLU C 112 -22.89 -5.80 12.38
CA GLU C 112 -22.42 -4.79 13.33
C GLU C 112 -23.17 -4.93 14.64
N GLU C 113 -24.49 -5.10 14.54
CA GLU C 113 -25.29 -5.22 15.73
C GLU C 113 -24.85 -6.44 16.52
N TRP C 114 -24.51 -7.52 15.81
CA TRP C 114 -24.08 -8.73 16.48
C TRP C 114 -22.85 -8.44 17.31
N LEU C 115 -21.90 -7.73 16.70
CA LEU C 115 -20.67 -7.39 17.39
C LEU C 115 -20.96 -6.55 18.63
N ASN C 116 -21.97 -5.69 18.54
CA ASN C 116 -22.33 -4.83 19.66
C ASN C 116 -23.26 -5.46 20.70
N THR C 117 -23.60 -6.74 20.53
CA THR C 117 -24.46 -7.43 21.48
C THR C 117 -23.90 -8.75 22.01
N HIS C 118 -22.66 -9.07 21.61
CA HIS C 118 -22.01 -10.31 22.03
C HIS C 118 -20.55 -10.11 22.40
N THR C 119 -20.01 -11.03 23.19
CA THR C 119 -18.60 -10.99 23.57
C THR C 119 -17.96 -12.19 22.86
N TYR C 120 -16.67 -12.13 22.60
CA TYR C 120 -16.00 -13.26 21.98
C TYR C 120 -14.52 -13.24 22.32
N GLU C 121 -13.93 -14.43 22.38
CA GLU C 121 -12.53 -14.57 22.71
C GLU C 121 -11.70 -14.80 21.46
N THR C 122 -12.35 -15.34 20.43
CA THR C 122 -11.70 -15.65 19.17
C THR C 122 -10.64 -14.64 18.70
N PRO C 123 -9.40 -15.12 18.49
CA PRO C 123 -8.34 -14.22 18.03
C PRO C 123 -8.56 -14.08 16.51
N ILE C 124 -8.58 -12.86 16.01
CA ILE C 124 -8.78 -12.65 14.57
C ILE C 124 -7.41 -12.38 13.96
N LEU C 125 -6.91 -13.34 13.19
CA LEU C 125 -5.57 -13.25 12.61
C LEU C 125 -5.47 -12.93 11.14
N LYS C 126 -4.39 -12.22 10.81
CA LYS C 126 -4.13 -11.84 9.43
C LYS C 126 -3.41 -13.00 8.73
N TRP C 127 -3.97 -13.46 7.63
CA TRP C 127 -3.36 -14.54 6.88
C TRP C 127 -2.21 -13.93 6.08
N GLN C 128 -1.01 -14.47 6.27
CA GLN C 128 0.18 -13.97 5.57
C GLN C 128 0.30 -14.55 4.16
N THR C 129 -0.47 -13.98 3.24
CA THR C 129 -0.50 -14.41 1.85
C THR C 129 0.87 -14.40 1.21
N ASP C 130 1.67 -13.39 1.55
CA ASP C 130 3.01 -13.24 1.01
C ASP C 130 3.91 -14.42 1.33
N LYS C 131 3.70 -15.05 2.49
CA LYS C 131 4.52 -16.18 2.90
C LYS C 131 3.87 -17.55 2.71
N TRP C 132 2.61 -17.67 3.12
CA TRP C 132 1.90 -18.94 3.06
C TRP C 132 1.02 -19.24 1.85
N GLY C 133 1.00 -18.35 0.86
CA GLY C 133 0.16 -18.61 -0.29
C GLY C 133 -1.24 -18.07 -0.03
N GLU C 134 -2.14 -18.32 -0.99
CA GLU C 134 -3.51 -17.84 -0.91
C GLU C 134 -4.29 -18.45 0.25
N ILE C 135 -5.19 -17.68 0.83
CA ILE C 135 -6.00 -18.17 1.94
C ILE C 135 -6.76 -19.44 1.55
N LYS C 136 -6.95 -20.35 2.50
CA LYS C 136 -7.61 -21.62 2.20
C LYS C 136 -9.07 -21.53 1.81
N ALA C 137 -9.74 -20.44 2.16
CA ALA C 137 -11.16 -20.28 1.82
C ALA C 137 -11.32 -19.58 0.47
N ASP C 138 -10.20 -19.32 -0.18
CA ASP C 138 -10.20 -18.64 -1.46
C ASP C 138 -11.18 -19.22 -2.48
N TYR C 139 -11.68 -18.35 -3.35
CA TYR C 139 -12.62 -18.79 -4.40
C TYR C 139 -11.81 -19.06 -5.67
N GLY C 140 -12.26 -20.03 -6.46
CA GLY C 140 -11.55 -20.36 -7.68
C GLY C 140 -11.54 -19.25 -8.70
N ARG C 141 -10.45 -19.15 -9.46
CA ARG C 141 -10.34 -18.13 -10.47
C ARG C 141 -11.50 -18.21 -11.45
N LYS C 142 -11.89 -17.06 -11.99
CA LYS C 142 -12.95 -16.98 -12.96
C LYS C 142 -14.34 -17.03 -12.37
N ALA D 5 -2.35 25.59 -22.17
CA ALA D 5 -0.94 25.52 -22.63
C ALA D 5 -0.63 24.14 -23.19
N LYS D 6 0.38 24.08 -24.05
CA LYS D 6 0.79 22.85 -24.68
C LYS D 6 2.14 22.43 -24.10
N GLU D 7 2.34 22.68 -22.81
CA GLU D 7 3.60 22.32 -22.15
C GLU D 7 3.84 20.84 -22.39
N GLU D 8 4.97 20.51 -22.99
CA GLU D 8 5.28 19.12 -23.28
C GLU D 8 6.54 18.64 -22.57
N ILE D 9 6.61 17.34 -22.39
CA ILE D 9 7.73 16.69 -21.75
C ILE D 9 9.03 16.96 -22.51
N ILE D 10 10.08 17.29 -21.74
CA ILE D 10 11.39 17.50 -22.33
C ILE D 10 12.00 16.10 -22.25
N TRP D 11 12.05 15.40 -23.38
CA TRP D 11 12.55 14.04 -23.42
C TRP D 11 14.04 13.91 -23.16
N GLU D 12 14.82 14.90 -23.59
CA GLU D 12 16.26 14.90 -23.34
C GLU D 12 16.44 15.31 -21.88
N SER D 13 16.10 14.40 -20.99
CA SER D 13 16.19 14.72 -19.59
C SER D 13 16.42 13.50 -18.72
N LEU D 14 16.60 13.77 -17.44
CA LEU D 14 16.79 12.73 -16.45
C LEU D 14 15.56 12.77 -15.54
N SER D 15 14.98 11.61 -15.25
CA SER D 15 13.82 11.53 -14.35
C SER D 15 14.19 10.67 -13.17
N VAL D 16 13.83 11.10 -11.96
CA VAL D 16 14.15 10.31 -10.80
C VAL D 16 12.89 9.99 -10.05
N ASP D 17 12.89 8.82 -9.41
CA ASP D 17 11.72 8.42 -8.63
C ASP D 17 12.17 7.52 -7.50
N VAL D 18 11.32 7.42 -6.49
CA VAL D 18 11.59 6.59 -5.34
C VAL D 18 10.63 5.41 -5.32
N GLY D 19 11.08 4.33 -4.69
CA GLY D 19 10.26 3.15 -4.56
C GLY D 19 10.44 2.73 -3.11
N SER D 20 9.34 2.42 -2.42
CA SER D 20 9.47 2.01 -1.03
C SER D 20 8.55 0.86 -0.64
N GLN D 21 8.80 0.32 0.54
CA GLN D 21 8.01 -0.76 1.13
C GLN D 21 7.71 -0.18 2.51
N GLY D 22 6.54 0.47 2.61
CA GLY D 22 6.17 1.11 3.85
C GLY D 22 6.66 2.54 3.73
N ASN D 23 6.26 3.38 4.67
CA ASN D 23 6.68 4.78 4.73
C ASN D 23 6.32 5.30 6.11
N PRO D 24 7.31 5.39 7.02
CA PRO D 24 8.71 5.02 6.77
C PRO D 24 8.85 3.54 6.45
N GLY D 25 9.92 3.18 5.77
CA GLY D 25 10.14 1.78 5.42
C GLY D 25 11.35 1.64 4.53
N ILE D 26 11.44 0.53 3.80
CA ILE D 26 12.57 0.28 2.89
C ILE D 26 12.46 1.23 1.72
N VAL D 27 13.53 1.99 1.49
CA VAL D 27 13.53 2.96 0.41
C VAL D 27 14.66 2.79 -0.59
N GLU D 28 14.30 2.91 -1.86
CA GLU D 28 15.22 2.82 -2.99
C GLU D 28 14.90 3.99 -3.90
N TYR D 29 15.80 4.26 -4.83
CA TYR D 29 15.55 5.33 -5.79
C TYR D 29 16.42 5.10 -7.00
N LYS D 30 16.05 5.75 -8.10
CA LYS D 30 16.84 5.60 -9.31
C LYS D 30 16.63 6.75 -10.25
N GLY D 31 17.55 6.89 -11.19
CA GLY D 31 17.45 7.94 -12.17
C GLY D 31 17.46 7.27 -13.53
N VAL D 32 16.56 7.67 -14.42
CA VAL D 32 16.50 7.07 -15.73
C VAL D 32 16.48 8.09 -16.84
N ASP D 33 16.83 7.66 -18.03
CA ASP D 33 16.81 8.53 -19.19
C ASP D 33 15.32 8.64 -19.48
N THR D 34 14.79 9.86 -19.44
CA THR D 34 13.35 10.04 -19.64
C THR D 34 12.83 9.42 -20.93
N LYS D 35 13.61 9.54 -22.00
CA LYS D 35 13.23 9.03 -23.30
C LYS D 35 13.25 7.52 -23.46
N THR D 36 14.40 6.92 -23.17
CA THR D 36 14.60 5.48 -23.33
C THR D 36 14.23 4.62 -22.13
N GLY D 37 14.22 5.22 -20.94
CA GLY D 37 13.88 4.46 -19.75
C GLY D 37 15.09 3.74 -19.16
N GLU D 38 16.24 3.91 -19.80
CA GLU D 38 17.48 3.29 -19.35
C GLU D 38 17.85 3.79 -17.96
N VAL D 39 18.15 2.88 -17.03
CA VAL D 39 18.53 3.30 -15.69
C VAL D 39 19.96 3.81 -15.73
N LEU D 40 20.16 5.04 -15.26
CA LEU D 40 21.47 5.64 -15.25
C LEU D 40 22.17 5.43 -13.90
N PHE D 41 21.40 5.48 -12.81
CA PHE D 41 21.97 5.26 -11.48
C PHE D 41 20.89 4.75 -10.53
N GLU D 42 21.32 4.08 -9.46
CA GLU D 42 20.39 3.54 -8.48
C GLU D 42 21.03 3.41 -7.12
N ARG D 43 20.19 3.38 -6.10
CA ARG D 43 20.63 3.26 -4.73
C ARG D 43 20.11 1.94 -4.18
N GLU D 44 20.98 1.23 -3.46
CA GLU D 44 20.61 -0.04 -2.86
C GLU D 44 19.60 0.25 -1.77
N PRO D 45 18.62 -0.66 -1.58
CA PRO D 45 17.58 -0.51 -0.57
C PRO D 45 18.09 -0.07 0.79
N ILE D 46 17.53 1.03 1.31
CA ILE D 46 17.91 1.52 2.62
C ILE D 46 16.83 1.00 3.57
N PRO D 47 17.20 0.17 4.56
CA PRO D 47 16.28 -0.41 5.54
C PRO D 47 15.18 0.53 6.06
N ILE D 48 15.56 1.68 6.58
CA ILE D 48 14.56 2.62 7.06
C ILE D 48 14.77 4.03 6.52
N GLY D 49 13.74 4.56 5.86
CA GLY D 49 13.81 5.90 5.30
C GLY D 49 12.39 6.33 4.96
N THR D 50 12.24 7.58 4.57
CA THR D 50 10.92 8.09 4.18
C THR D 50 10.89 8.36 2.68
N ASN D 51 9.69 8.54 2.14
CA ASN D 51 9.56 8.83 0.72
C ASN D 51 10.23 10.15 0.38
N ASN D 52 10.02 11.17 1.21
CA ASN D 52 10.59 12.46 0.90
C ASN D 52 12.12 12.46 0.97
N MET D 53 12.70 11.76 1.93
CA MET D 53 14.16 11.69 2.00
C MET D 53 14.68 11.00 0.74
N GLY D 54 14.01 9.94 0.33
CA GLY D 54 14.42 9.23 -0.88
C GLY D 54 14.35 10.09 -2.13
N GLU D 55 13.27 10.85 -2.31
CA GLU D 55 13.13 11.72 -3.48
C GLU D 55 14.23 12.77 -3.45
N PHE D 56 14.55 13.26 -2.27
CA PHE D 56 15.59 14.28 -2.09
C PHE D 56 16.94 13.69 -2.51
N LEU D 57 17.31 12.54 -1.94
CA LEU D 57 18.58 11.91 -2.30
C LEU D 57 18.69 11.67 -3.80
N ALA D 58 17.57 11.28 -4.40
CA ALA D 58 17.56 10.98 -5.82
C ALA D 58 17.88 12.20 -6.67
N ILE D 59 17.28 13.35 -6.37
CA ILE D 59 17.56 14.55 -7.14
C ILE D 59 19.02 14.99 -7.00
N VAL D 60 19.54 14.98 -5.76
CA VAL D 60 20.93 15.40 -5.54
C VAL D 60 21.90 14.45 -6.23
N HIS D 61 21.59 13.16 -6.18
CA HIS D 61 22.42 12.17 -6.85
C HIS D 61 22.40 12.54 -8.34
N GLY D 62 21.22 12.88 -8.84
CA GLY D 62 21.12 13.24 -10.23
C GLY D 62 21.97 14.45 -10.55
N LEU D 63 21.94 15.47 -9.70
CA LEU D 63 22.74 16.68 -9.91
C LEU D 63 24.22 16.32 -10.05
N ARG D 64 24.69 15.47 -9.14
CA ARG D 64 26.08 15.04 -9.14
C ARG D 64 26.41 14.24 -10.41
N TYR D 65 25.52 13.34 -10.80
CA TYR D 65 25.72 12.53 -12.00
C TYR D 65 25.86 13.38 -13.26
N LEU D 66 24.96 14.35 -13.42
CA LEU D 66 24.98 15.22 -14.59
C LEU D 66 26.16 16.20 -14.60
N LYS D 67 26.50 16.74 -13.43
CA LYS D 67 27.61 17.65 -13.34
C LYS D 67 28.90 16.93 -13.75
N GLU D 68 29.15 15.75 -13.20
CA GLU D 68 30.36 15.00 -13.55
C GLU D 68 30.44 14.77 -15.05
N ARG D 69 29.29 14.61 -15.70
CA ARG D 69 29.28 14.36 -17.14
C ARG D 69 29.08 15.64 -17.93
N ASN D 70 29.24 16.78 -17.28
CA ASN D 70 29.07 18.08 -17.91
C ASN D 70 27.83 18.07 -18.82
N SER D 71 26.73 17.60 -18.26
CA SER D 71 25.48 17.55 -19.01
C SER D 71 24.61 18.73 -18.65
N ARG D 72 23.85 19.22 -19.61
CA ARG D 72 22.97 20.35 -19.35
C ARG D 72 21.51 19.92 -19.35
N LYS D 73 21.28 18.61 -19.31
CA LYS D 73 19.91 18.08 -19.30
C LYS D 73 19.24 18.42 -17.98
N PRO D 74 17.94 18.74 -18.02
CA PRO D 74 17.22 19.05 -16.78
C PRO D 74 16.85 17.77 -16.05
N ILE D 75 16.42 17.92 -14.80
CA ILE D 75 16.01 16.78 -13.98
C ILE D 75 14.53 16.92 -13.66
N TYR D 76 13.78 15.82 -13.79
CA TYR D 76 12.36 15.81 -13.47
C TYR D 76 12.11 15.03 -12.22
N SER D 77 11.24 15.57 -11.35
CA SER D 77 10.83 14.91 -10.13
C SER D 77 9.37 15.29 -9.92
N ASN D 78 8.56 14.39 -9.36
CA ASN D 78 7.15 14.71 -9.10
C ASN D 78 6.95 15.13 -7.64
N SER D 79 8.07 15.22 -6.90
CA SER D 79 8.03 15.54 -5.49
C SER D 79 8.18 17.03 -5.17
N GLN D 80 7.08 17.72 -4.86
CA GLN D 80 7.20 19.13 -4.56
C GLN D 80 8.07 19.29 -3.31
N THR D 81 7.97 18.36 -2.39
CA THR D 81 8.77 18.43 -1.17
C THR D 81 10.29 18.37 -1.43
N ALA D 82 10.72 17.34 -2.16
CA ALA D 82 12.14 17.15 -2.47
C ALA D 82 12.69 18.30 -3.29
N ILE D 83 11.89 18.83 -4.20
CA ILE D 83 12.32 19.93 -5.02
C ILE D 83 12.56 21.16 -4.14
N LYS D 84 11.66 21.41 -3.19
CA LYS D 84 11.82 22.55 -2.31
C LYS D 84 13.06 22.35 -1.43
N TRP D 85 13.22 21.15 -0.91
CA TRP D 85 14.36 20.83 -0.04
C TRP D 85 15.70 21.06 -0.75
N VAL D 86 15.79 20.63 -2.00
CA VAL D 86 17.02 20.82 -2.76
C VAL D 86 17.21 22.32 -2.98
N LYS D 87 16.14 23.04 -3.32
CA LYS D 87 16.26 24.50 -3.53
C LYS D 87 16.70 25.21 -2.26
N ASP D 88 16.21 24.74 -1.12
CA ASP D 88 16.56 25.33 0.17
C ASP D 88 17.89 24.78 0.65
N LYS D 89 18.37 23.73 -0.01
CA LYS D 89 19.61 23.07 0.39
C LYS D 89 19.47 22.56 1.82
N LYS D 90 18.25 22.16 2.19
CA LYS D 90 17.99 21.65 3.52
C LYS D 90 16.79 20.68 3.53
N ALA D 91 17.04 19.44 3.92
CA ALA D 91 15.98 18.44 3.98
C ALA D 91 15.28 18.57 5.34
N LYS D 92 14.04 19.06 5.31
CA LYS D 92 13.29 19.28 6.54
C LYS D 92 12.51 18.02 6.96
N SER D 93 13.23 16.93 7.18
CA SER D 93 12.63 15.66 7.58
C SER D 93 12.39 15.45 9.07
N THR D 94 11.19 14.99 9.40
CA THR D 94 10.76 14.71 10.77
C THR D 94 11.17 13.31 11.24
N LEU D 95 11.75 12.51 10.36
CA LEU D 95 12.12 11.16 10.76
C LEU D 95 13.04 11.18 11.96
N VAL D 96 12.66 10.44 13.00
CA VAL D 96 13.46 10.38 14.21
C VAL D 96 14.87 9.95 13.83
N ARG D 97 15.86 10.50 14.51
CA ARG D 97 17.24 10.15 14.23
C ARG D 97 17.82 9.24 15.30
N ASN D 98 18.13 8.00 14.93
CA ASN D 98 18.71 7.04 15.87
C ASN D 98 19.46 5.94 15.12
N GLU D 99 19.94 4.95 15.86
CA GLU D 99 20.69 3.84 15.26
C GLU D 99 20.00 3.19 14.08
N GLU D 100 18.68 3.08 14.15
CA GLU D 100 17.91 2.48 13.08
C GLU D 100 17.83 3.35 11.82
N THR D 101 17.78 4.67 12.03
CA THR D 101 17.69 5.62 10.92
C THR D 101 18.98 6.36 10.68
N ALA D 102 20.07 5.86 11.24
CA ALA D 102 21.37 6.49 11.09
C ALA D 102 21.85 6.56 9.63
N LEU D 103 21.65 5.47 8.87
CA LEU D 103 22.10 5.44 7.50
C LEU D 103 21.41 6.47 6.58
N ILE D 104 20.09 6.50 6.58
CA ILE D 104 19.42 7.46 5.72
C ILE D 104 19.84 8.87 6.09
N TRP D 105 19.96 9.15 7.38
CA TRP D 105 20.36 10.50 7.78
C TRP D 105 21.79 10.79 7.35
N LYS D 106 22.64 9.78 7.38
CA LYS D 106 24.02 9.95 6.95
C LYS D 106 24.00 10.36 5.47
N LEU D 107 23.18 9.68 4.67
CA LEU D 107 23.10 10.01 3.25
C LEU D 107 22.49 11.39 3.06
N VAL D 108 21.51 11.75 3.88
CA VAL D 108 20.93 13.09 3.75
C VAL D 108 21.97 14.16 4.11
N ASP D 109 22.74 13.93 5.16
CA ASP D 109 23.77 14.90 5.55
C ASP D 109 24.75 15.08 4.40
N GLU D 110 25.15 13.97 3.80
CA GLU D 110 26.08 13.96 2.67
C GLU D 110 25.52 14.77 1.48
N ALA D 111 24.23 14.60 1.21
CA ALA D 111 23.62 15.32 0.10
C ALA D 111 23.57 16.81 0.39
N GLU D 112 23.23 17.18 1.62
CA GLU D 112 23.20 18.60 1.98
C GLU D 112 24.60 19.18 1.84
N GLU D 113 25.60 18.46 2.33
CA GLU D 113 26.99 18.91 2.24
C GLU D 113 27.32 19.14 0.78
N TRP D 114 26.92 18.21 -0.09
CA TRP D 114 27.21 18.37 -1.50
C TRP D 114 26.56 19.64 -2.08
N LEU D 115 25.28 19.82 -1.80
CA LEU D 115 24.55 20.99 -2.32
C LEU D 115 25.15 22.30 -1.83
N ASN D 116 25.71 22.27 -0.62
CA ASN D 116 26.30 23.47 -0.05
C ASN D 116 27.76 23.70 -0.47
N THR D 117 28.32 22.80 -1.27
CA THR D 117 29.71 22.93 -1.69
C THR D 117 29.95 22.75 -3.19
N HIS D 118 28.89 22.77 -3.98
CA HIS D 118 29.00 22.66 -5.41
C HIS D 118 27.95 23.51 -6.08
N THR D 119 28.25 23.99 -7.28
CA THR D 119 27.28 24.80 -8.01
C THR D 119 26.80 23.87 -9.10
N TYR D 120 25.64 24.16 -9.68
CA TYR D 120 25.11 23.33 -10.73
C TYR D 120 24.25 24.15 -11.69
N GLU D 121 24.22 23.72 -12.94
CA GLU D 121 23.46 24.42 -13.98
C GLU D 121 22.12 23.74 -14.26
N THR D 122 21.95 22.54 -13.71
CA THR D 122 20.74 21.75 -13.92
C THR D 122 19.41 22.35 -13.52
N PRO D 123 18.46 22.42 -14.47
CA PRO D 123 17.14 22.94 -14.15
C PRO D 123 16.41 21.78 -13.46
N ILE D 124 15.92 21.99 -12.25
CA ILE D 124 15.17 20.95 -11.53
C ILE D 124 13.68 21.20 -11.81
N LEU D 125 13.06 20.33 -12.60
CA LEU D 125 11.66 20.55 -13.00
C LEU D 125 10.61 19.68 -12.36
N LYS D 126 9.44 20.26 -12.14
CA LYS D 126 8.34 19.52 -11.54
C LYS D 126 7.66 18.71 -12.65
N TRP D 127 7.59 17.39 -12.48
CA TRP D 127 6.94 16.55 -13.47
C TRP D 127 5.44 16.79 -13.35
N GLN D 128 4.82 17.26 -14.43
CA GLN D 128 3.39 17.57 -14.46
C GLN D 128 2.51 16.33 -14.59
N THR D 129 2.42 15.59 -13.51
CA THR D 129 1.64 14.37 -13.50
C THR D 129 0.22 14.52 -14.06
N ASP D 130 -0.49 15.57 -13.69
CA ASP D 130 -1.85 15.76 -14.19
C ASP D 130 -1.88 15.91 -15.71
N LYS D 131 -0.88 16.56 -16.26
CA LYS D 131 -0.80 16.78 -17.71
C LYS D 131 -0.19 15.62 -18.51
N TRP D 132 0.76 14.93 -17.90
CA TRP D 132 1.46 13.87 -18.62
C TRP D 132 1.35 12.42 -18.12
N GLY D 133 0.72 12.19 -16.97
CA GLY D 133 0.64 10.84 -16.46
C GLY D 133 1.83 10.58 -15.55
N GLU D 134 2.01 9.34 -15.09
CA GLU D 134 3.10 9.00 -14.18
C GLU D 134 4.51 9.21 -14.71
N ILE D 135 5.40 9.67 -13.84
CA ILE D 135 6.79 9.91 -14.21
C ILE D 135 7.43 8.60 -14.72
N LYS D 136 8.36 8.71 -15.65
CA LYS D 136 9.01 7.56 -16.27
C LYS D 136 9.93 6.74 -15.39
N ALA D 137 10.46 7.34 -14.33
CA ALA D 137 11.37 6.63 -13.44
C ALA D 137 10.63 5.80 -12.39
N ASP D 138 9.31 5.66 -12.53
CA ASP D 138 8.57 4.87 -11.56
C ASP D 138 9.01 3.40 -11.57
N TYR D 139 8.74 2.69 -10.47
CA TYR D 139 9.14 1.29 -10.33
C TYR D 139 8.16 0.24 -10.86
N GLY D 140 6.87 0.53 -10.78
CA GLY D 140 5.88 -0.43 -11.26
C GLY D 140 5.20 -1.15 -10.13
MG MG E . -9.95 -12.07 1.05
MG MG F . -9.41 -14.73 -2.50
MG MG G . 8.21 10.41 -6.98
MG MG H . 6.27 6.82 -8.51
#